data_9JRM
#
_entry.id   9JRM
#
_cell.length_a   1.00
_cell.length_b   1.00
_cell.length_c   1.00
_cell.angle_alpha   90.00
_cell.angle_beta   90.00
_cell.angle_gamma   90.00
#
_symmetry.space_group_name_H-M   'P 1'
#
loop_
_entity.id
_entity.type
_entity.pdbx_description
1 polymer 'Soluble cytochrome b562,Reduced folate transporter,Soluble cytochrome b562,Reduced folate transporter,fusion protein'
2 non-polymer (1~{R},3~{S},6~{R},8~{R},9~{R},10~{S},12~{S},15~{R},17~{R},18~{R})-8,17-bis(6-aminopurin-9-yl)-3,12-bis(oxidanylidene)-3,12-bis(sulfanyl)-2,4,7,11,13,16-hexaoxa-3$l^{5},12$l^{5}-diphosphatricyclo[13.2.1.0^{6,10}]octadecane-9,18-diol
#
_entity_poly.entity_id   1
_entity_poly.type   'polypeptide(L)'
_entity_poly.pdbx_seq_one_letter_code
;MADLEDNWETLNDNLKVIEKADNAAQVKDALTKMRAAALDAQKATPPKLEDKSPDSPEMKDFRHGFDILVGQIDDALKLA
NEGKVKEAQAAAEQLKTTRNAYIQKYLSWRHLVCYLCFYGFMAQIRPGESFITPYLLGPDKQFTREQVTNEITPVLSYSY
LAVLVPVFLLTDYLRYTPVLLLQGLSFVSVWLLLLLGHSVAHMQLMELFYSVTMAARIAYSSYIFSLVRPARYQRVAGYS
RAAVLLGVFTSSVLGQLLVTVGRVSFSTLNYISLAFLTFSVVLALFLKRPKRSLFFNRDDRGRCETSASELERMNPGPGG
KLGHALRVACGDSVLARMLRELGDSLRRPQLRLWSLWWVFNSAGYYLVVYYVHILWNEVDPTTNSARVYNWAADAASTLL
GAITSFAAGFVKIRWARWSKLLIAGVTATQAGLVFLLAHTRHPSSIWLCYAAFVLFRGSYQFLVPIATFQIASSLSKELC
ALVFGVNTFFATIVKTIITFIVSDVRGLGLPVRKQFQLYSVYFLILSIIYFLGAMLDGLRHAEEEKRKAEEEKRKGSGSQ
VQLQESGGGLVQPGGSLRLSCAASGRTISRYAMSWFRQAPGKEREFVAVARRSGDGAFYADSVQGRFTVSRDDAKNTVYL
QMNSLKPEDTAVYYCAIDSDTFYSGSYDYWGQGTQVTVSSHHHHHHHHHH
;
_entity_poly.pdbx_strand_id   A
#
loop_
_chem_comp.id
_chem_comp.type
_chem_comp.name
_chem_comp.formula
GJF non-polymer (1~{R},3~{S},6~{R},8~{R},9~{R},10~{S},12~{S},15~{R},17~{R},18~{R})-8,17-bis(6-aminopurin-9-yl)-3,12-bis(oxidanylidene)-3,12-bis(sulfanyl)-2,4,7,11,13,16-hexaoxa-3$l^{5},12$l^{5}-diphosphatricyclo[13.2.1.0^{6,10}]octadecane-9,18-diol 'C20 H24 N10 O10 P2 S2'
#
# COMPACT_ATOMS: atom_id res chain seq x y z
N SER A 108 -16.01 17.40 18.84
CA SER A 108 -15.36 16.36 18.05
C SER A 108 -16.17 16.04 16.81
N TRP A 109 -16.86 17.03 16.27
CA TRP A 109 -17.66 16.81 15.06
C TRP A 109 -16.83 16.88 13.79
N ARG A 110 -15.61 17.39 13.86
CA ARG A 110 -14.68 17.35 12.74
C ARG A 110 -13.43 16.55 13.02
N HIS A 111 -13.00 16.45 14.27
CA HIS A 111 -11.76 15.77 14.63
C HIS A 111 -11.88 14.25 14.62
N LEU A 112 -12.97 13.71 14.07
CA LEU A 112 -13.10 12.28 13.89
C LEU A 112 -12.93 11.85 12.44
N VAL A 113 -13.22 12.73 11.48
CA VAL A 113 -13.07 12.39 10.08
C VAL A 113 -12.18 13.40 9.37
N CYS A 114 -12.51 14.69 9.50
CA CYS A 114 -11.74 15.72 8.83
C CYS A 114 -10.31 15.76 9.34
N TYR A 115 -10.13 15.80 10.65
CA TYR A 115 -8.78 15.84 11.21
C TYR A 115 -8.04 14.54 10.98
N LEU A 116 -8.73 13.40 10.99
CA LEU A 116 -8.07 12.14 10.72
C LEU A 116 -7.56 12.08 9.28
N CYS A 117 -8.38 12.53 8.33
CA CYS A 117 -7.93 12.59 6.94
C CYS A 117 -6.79 13.58 6.77
N PHE A 118 -6.85 14.71 7.45
CA PHE A 118 -5.75 15.66 7.39
C PHE A 118 -4.48 15.07 7.97
N TYR A 119 -4.58 14.32 9.05
CA TYR A 119 -3.40 13.66 9.61
C TYR A 119 -2.85 12.63 8.65
N GLY A 120 -3.70 11.86 7.99
CA GLY A 120 -3.21 10.93 6.99
C GLY A 120 -2.47 11.64 5.87
N PHE A 121 -3.07 12.72 5.36
CA PHE A 121 -2.44 13.50 4.31
C PHE A 121 -1.09 14.04 4.74
N MET A 122 -1.01 14.56 5.97
CA MET A 122 0.24 15.13 6.44
C MET A 122 1.27 14.06 6.80
N ALA A 123 0.81 12.85 7.15
CA ALA A 123 1.73 11.78 7.50
C ALA A 123 2.36 11.16 6.27
N GLN A 124 1.62 11.06 5.17
CA GLN A 124 2.20 10.55 3.93
C GLN A 124 2.78 11.65 3.05
N ILE A 125 3.25 12.75 3.65
CA ILE A 125 4.00 13.77 2.94
C ILE A 125 5.46 13.62 3.38
N ARG A 126 6.28 13.06 2.50
CA ARG A 126 7.72 12.95 2.71
C ARG A 126 8.39 13.21 1.38
N PRO A 127 8.70 14.47 1.08
CA PRO A 127 9.25 14.81 -0.25
C PRO A 127 10.56 14.11 -0.56
N GLY A 128 11.34 13.73 0.44
CA GLY A 128 12.60 13.04 0.22
C GLY A 128 12.55 11.53 0.31
N GLU A 129 11.35 10.94 0.35
CA GLU A 129 11.26 9.49 0.51
C GLU A 129 11.64 8.76 -0.78
N SER A 130 11.23 9.29 -1.92
CA SER A 130 11.53 8.63 -3.19
C SER A 130 12.98 8.81 -3.60
N PHE A 131 13.70 9.74 -2.98
CA PHE A 131 15.08 10.04 -3.34
C PHE A 131 16.08 9.49 -2.33
N ILE A 132 15.72 8.41 -1.63
CA ILE A 132 16.65 7.80 -0.68
C ILE A 132 17.85 7.21 -1.40
N THR A 133 17.60 6.43 -2.46
CA THR A 133 18.70 5.78 -3.17
C THR A 133 19.65 6.76 -3.82
N PRO A 134 19.21 7.78 -4.56
CA PRO A 134 20.18 8.77 -5.08
C PRO A 134 20.96 9.46 -3.97
N TYR A 135 20.32 9.75 -2.83
CA TYR A 135 21.02 10.38 -1.73
C TYR A 135 22.12 9.48 -1.19
N LEU A 136 21.83 8.19 -1.08
CA LEU A 136 22.85 7.22 -0.68
C LEU A 136 23.96 7.07 -1.73
N LEU A 137 23.74 7.57 -2.94
CA LEU A 137 24.71 7.44 -4.02
C LEU A 137 25.37 8.77 -4.40
N GLY A 138 24.85 9.90 -3.90
CA GLY A 138 25.39 11.18 -4.26
C GLY A 138 26.60 11.55 -3.43
N PRO A 139 27.18 12.71 -3.74
CA PRO A 139 28.39 13.14 -3.01
C PRO A 139 28.17 13.38 -1.53
N ASP A 140 26.92 13.62 -1.10
CA ASP A 140 26.67 13.86 0.31
C ASP A 140 26.97 12.62 1.15
N LYS A 141 26.52 11.46 0.69
CA LYS A 141 26.68 10.20 1.42
C LYS A 141 27.13 9.10 0.47
N GLN A 142 28.22 9.40 -0.25
CA GLN A 142 28.79 8.45 -1.23
C GLN A 142 28.90 7.06 -0.62
N PHE A 143 28.24 6.09 -1.23
CA PHE A 143 28.34 4.70 -0.79
C PHE A 143 28.79 3.82 -1.95
N THR A 144 28.78 2.51 -1.73
CA THR A 144 29.06 1.54 -2.76
C THR A 144 27.78 1.16 -3.48
N ARG A 145 27.87 1.00 -4.80
CA ARG A 145 26.69 0.66 -5.58
C ARG A 145 26.11 -0.68 -5.18
N GLU A 146 26.97 -1.66 -4.89
CA GLU A 146 26.50 -2.96 -4.47
C GLU A 146 25.94 -2.94 -3.05
N GLN A 147 26.45 -2.04 -2.20
CA GLN A 147 25.99 -1.99 -0.81
C GLN A 147 24.52 -1.61 -0.72
N VAL A 148 24.08 -0.66 -1.55
CA VAL A 148 22.70 -0.19 -1.53
C VAL A 148 21.79 -1.23 -2.17
N THR A 149 22.36 -2.35 -2.62
CA THR A 149 21.60 -3.42 -3.24
C THR A 149 21.63 -4.72 -2.44
N ASN A 150 22.80 -5.06 -1.88
CA ASN A 150 22.93 -6.37 -1.19
C ASN A 150 22.97 -6.20 0.34
N GLU A 151 22.82 -4.97 0.84
CA GLU A 151 22.92 -4.74 2.28
C GLU A 151 21.71 -4.04 2.87
N ILE A 152 21.01 -3.21 2.11
CA ILE A 152 19.88 -2.45 2.64
C ILE A 152 18.55 -2.94 2.08
N THR A 153 18.48 -3.24 0.79
CA THR A 153 17.25 -3.79 0.23
C THR A 153 16.88 -5.13 0.82
N PRO A 154 17.79 -6.11 0.94
CA PRO A 154 17.40 -7.37 1.60
C PRO A 154 16.97 -7.19 3.04
N VAL A 155 17.64 -6.32 3.80
CA VAL A 155 17.26 -6.17 5.20
C VAL A 155 15.89 -5.53 5.31
N LEU A 156 15.58 -4.57 4.43
CA LEU A 156 14.22 -4.04 4.40
C LEU A 156 13.21 -5.11 4.04
N SER A 157 13.53 -5.93 3.03
CA SER A 157 12.57 -6.93 2.55
C SER A 157 12.24 -7.96 3.63
N TYR A 158 13.27 -8.44 4.34
CA TYR A 158 13.01 -9.41 5.40
C TYR A 158 12.41 -8.76 6.64
N SER A 159 12.90 -7.59 7.04
CA SER A 159 12.39 -6.93 8.23
C SER A 159 10.95 -6.49 8.05
N TYR A 160 10.48 -6.30 6.82
CA TYR A 160 9.07 -5.97 6.62
C TYR A 160 8.17 -7.05 7.22
N LEU A 161 8.40 -8.30 6.84
CA LEU A 161 7.61 -9.39 7.42
C LEU A 161 7.94 -9.61 8.89
N ALA A 162 9.24 -9.54 9.24
CA ALA A 162 9.63 -9.80 10.62
C ALA A 162 9.07 -8.77 11.59
N VAL A 163 8.68 -7.59 11.11
CA VAL A 163 8.12 -6.54 11.94
C VAL A 163 6.61 -6.56 11.83
N LEU A 164 6.10 -6.93 10.65
CA LEU A 164 4.66 -7.05 10.46
C LEU A 164 4.08 -8.11 11.37
N VAL A 165 4.81 -9.21 11.58
CA VAL A 165 4.27 -10.33 12.35
C VAL A 165 3.80 -9.91 13.74
N PRO A 166 4.56 -9.14 14.53
CA PRO A 166 4.02 -8.68 15.82
C PRO A 166 3.14 -7.45 15.73
N VAL A 167 3.32 -6.60 14.72
CA VAL A 167 2.56 -5.36 14.66
C VAL A 167 1.07 -5.64 14.50
N PHE A 168 0.71 -6.55 13.60
CA PHE A 168 -0.71 -6.82 13.39
C PHE A 168 -1.31 -7.56 14.58
N LEU A 169 -0.50 -8.25 15.37
CA LEU A 169 -1.01 -8.86 16.59
C LEU A 169 -1.22 -7.83 17.70
N LEU A 170 -0.38 -6.81 17.77
CA LEU A 170 -0.41 -5.91 18.91
C LEU A 170 -1.14 -4.60 18.67
N THR A 171 -1.39 -4.19 17.42
CA THR A 171 -1.98 -2.88 17.18
C THR A 171 -3.42 -2.81 17.64
N ASP A 172 -4.20 -3.88 17.42
CA ASP A 172 -5.60 -3.86 17.83
C ASP A 172 -5.72 -3.78 19.35
N TYR A 173 -4.86 -4.50 20.07
CA TYR A 173 -4.87 -4.42 21.53
C TYR A 173 -4.36 -3.09 22.03
N LEU A 174 -3.40 -2.48 21.32
CA LEU A 174 -2.84 -1.19 21.72
C LEU A 174 -3.78 -0.03 21.41
N ARG A 175 -4.87 -0.26 20.69
CA ARG A 175 -5.91 0.73 20.41
C ARG A 175 -5.44 1.78 19.40
N TYR A 176 -4.54 1.39 18.51
CA TYR A 176 -4.23 2.09 17.26
C TYR A 176 -3.55 3.44 17.42
N THR A 177 -3.44 3.95 18.64
CA THR A 177 -2.72 5.21 18.82
C THR A 177 -1.22 4.99 18.98
N PRO A 178 -0.77 4.04 19.82
CA PRO A 178 0.69 3.82 19.92
C PRO A 178 1.34 3.48 18.60
N VAL A 179 0.68 2.68 17.75
CA VAL A 179 1.28 2.33 16.47
C VAL A 179 1.30 3.53 15.53
N LEU A 180 0.27 4.36 15.58
CA LEU A 180 0.26 5.57 14.76
C LEU A 180 1.36 6.54 15.17
N LEU A 181 1.61 6.65 16.48
CA LEU A 181 2.71 7.49 16.94
C LEU A 181 4.06 6.86 16.60
N LEU A 182 4.15 5.54 16.69
CA LEU A 182 5.37 4.82 16.35
C LEU A 182 5.71 4.96 14.88
N GLN A 183 4.70 5.09 14.01
CA GLN A 183 4.97 5.36 12.61
C GLN A 183 5.75 6.65 12.43
N GLY A 184 5.27 7.73 13.04
CA GLY A 184 5.98 9.00 12.94
C GLY A 184 7.34 8.96 13.60
N LEU A 185 7.44 8.31 14.76
CA LEU A 185 8.72 8.23 15.45
C LEU A 185 9.72 7.44 14.63
N SER A 186 9.28 6.36 13.99
CA SER A 186 10.19 5.55 13.19
C SER A 186 10.55 6.23 11.87
N PHE A 187 9.64 7.02 11.32
CA PHE A 187 10.00 7.80 10.11
C PHE A 187 11.03 8.85 10.50
N VAL A 188 10.84 9.51 11.65
CA VAL A 188 11.82 10.48 12.13
C VAL A 188 13.16 9.81 12.37
N SER A 189 13.16 8.59 12.93
CA SER A 189 14.40 7.87 13.12
C SER A 189 15.06 7.52 11.78
N VAL A 190 14.25 7.11 10.80
CA VAL A 190 14.78 6.82 9.47
C VAL A 190 15.48 8.04 8.90
N TRP A 191 14.83 9.20 9.00
CA TRP A 191 15.43 10.42 8.38
C TRP A 191 16.65 10.87 9.19
N LEU A 192 16.60 10.76 10.53
CA LEU A 192 17.80 11.10 11.30
C LEU A 192 18.97 10.19 10.94
N LEU A 193 18.71 8.90 10.73
CA LEU A 193 19.77 8.00 10.28
C LEU A 193 20.25 8.38 8.89
N LEU A 194 19.33 8.78 8.02
CA LEU A 194 19.72 9.23 6.68
C LEU A 194 20.60 10.48 6.75
N LEU A 195 20.23 11.43 7.60
CA LEU A 195 21.02 12.65 7.73
C LEU A 195 22.39 12.38 8.32
N LEU A 196 22.43 11.64 9.43
CA LEU A 196 23.71 11.34 10.08
C LEU A 196 24.54 10.40 9.22
N GLY A 197 23.95 9.31 8.77
CA GLY A 197 24.57 8.45 7.77
C GLY A 197 25.60 7.47 8.29
N HIS A 198 26.80 7.96 8.60
CA HIS A 198 27.89 7.14 9.09
C HIS A 198 28.16 5.94 8.18
N SER A 199 28.04 4.73 8.73
CA SER A 199 28.39 3.50 8.03
C SER A 199 27.14 2.77 7.57
N VAL A 200 27.34 1.58 6.99
CA VAL A 200 26.22 0.81 6.46
C VAL A 200 25.39 0.19 7.57
N ALA A 201 25.92 0.10 8.79
CA ALA A 201 25.09 -0.34 9.91
C ALA A 201 23.96 0.64 10.16
N HIS A 202 24.23 1.93 10.07
CA HIS A 202 23.18 2.93 10.19
C HIS A 202 22.14 2.77 9.09
N MET A 203 22.58 2.42 7.87
CA MET A 203 21.63 2.25 6.78
C MET A 203 20.78 1.01 6.97
N GLN A 204 21.36 -0.07 7.50
CA GLN A 204 20.55 -1.24 7.81
C GLN A 204 19.54 -0.93 8.92
N LEU A 205 19.96 -0.14 9.91
CA LEU A 205 19.02 0.31 10.93
C LEU A 205 17.92 1.17 10.33
N MET A 206 18.28 2.02 9.36
CA MET A 206 17.29 2.85 8.67
C MET A 206 16.28 2.00 7.93
N GLU A 207 16.74 0.96 7.24
CA GLU A 207 15.81 0.09 6.52
C GLU A 207 14.94 -0.71 7.48
N LEU A 208 15.50 -1.11 8.63
CA LEU A 208 14.68 -1.79 9.63
C LEU A 208 13.59 -0.86 10.16
N PHE A 209 13.92 0.39 10.45
CA PHE A 209 12.91 1.34 10.89
C PHE A 209 11.91 1.65 9.78
N TYR A 210 12.33 1.62 8.52
CA TYR A 210 11.39 1.79 7.41
C TYR A 210 10.41 0.62 7.37
N SER A 211 10.89 -0.59 7.55
CA SER A 211 10.00 -1.74 7.64
C SER A 211 9.05 -1.61 8.82
N VAL A 212 9.53 -1.01 9.91
CA VAL A 212 8.66 -0.74 11.05
C VAL A 212 7.55 0.23 10.67
N THR A 213 7.89 1.29 9.92
CA THR A 213 6.86 2.22 9.46
C THR A 213 5.88 1.57 8.51
N MET A 214 6.34 0.58 7.73
CA MET A 214 5.46 -0.01 6.67
C MET A 214 4.21 -0.69 7.23
N ALA A 215 4.18 -1.02 8.53
CA ALA A 215 3.03 -1.72 9.10
C ALA A 215 2.06 -0.79 9.83
N ALA A 216 2.53 0.37 10.27
CA ALA A 216 1.54 1.33 10.74
C ALA A 216 0.63 1.80 9.62
N ARG A 217 0.93 1.46 8.37
CA ARG A 217 -0.06 1.61 7.30
C ARG A 217 -1.32 0.83 7.63
N ILE A 218 -1.18 -0.46 7.96
CA ILE A 218 -2.33 -1.26 8.35
C ILE A 218 -2.92 -0.73 9.65
N ALA A 219 -2.07 -0.22 10.55
CA ALA A 219 -2.58 0.35 11.79
C ALA A 219 -3.55 1.51 11.51
N TYR A 220 -3.12 2.46 10.67
CA TYR A 220 -3.99 3.58 10.33
C TYR A 220 -5.20 3.14 9.54
N SER A 221 -5.04 2.15 8.65
CA SER A 221 -6.18 1.65 7.90
C SER A 221 -7.25 1.09 8.81
N SER A 222 -6.85 0.40 9.88
CA SER A 222 -7.83 -0.15 10.82
C SER A 222 -8.31 0.87 11.85
N TYR A 223 -7.59 1.98 12.02
CA TYR A 223 -7.99 2.97 13.02
C TYR A 223 -9.35 3.60 12.69
N ILE A 224 -9.59 3.87 11.41
CA ILE A 224 -10.75 4.68 11.03
C ILE A 224 -12.05 3.99 11.45
N PHE A 225 -12.11 2.67 11.30
CA PHE A 225 -13.33 1.94 11.63
C PHE A 225 -13.54 1.76 13.12
N SER A 226 -12.48 1.91 13.93
CA SER A 226 -12.62 1.97 15.36
C SER A 226 -12.85 3.37 15.86
N LEU A 227 -12.71 4.38 15.01
CA LEU A 227 -13.01 5.76 15.40
C LEU A 227 -14.47 6.13 15.19
N VAL A 228 -15.09 5.70 14.10
CA VAL A 228 -16.42 6.14 13.74
C VAL A 228 -17.42 5.00 13.95
N ARG A 229 -18.70 5.34 13.91
CA ARG A 229 -19.77 4.39 14.10
C ARG A 229 -19.87 3.46 12.89
N PRO A 230 -20.43 2.24 13.08
CA PRO A 230 -20.55 1.27 11.97
C PRO A 230 -21.70 1.59 11.02
N ALA A 231 -21.80 2.85 10.62
CA ALA A 231 -22.75 3.28 9.62
C ALA A 231 -22.15 4.18 8.56
N ARG A 232 -21.02 4.83 8.84
CA ARG A 232 -20.29 5.60 7.86
C ARG A 232 -18.92 4.98 7.57
N TYR A 233 -18.83 3.66 7.67
CA TYR A 233 -17.58 2.97 7.41
C TYR A 233 -17.12 3.19 5.97
N GLN A 234 -18.05 3.09 5.02
CA GLN A 234 -17.68 3.25 3.62
C GLN A 234 -17.25 4.69 3.33
N ARG A 235 -17.96 5.67 3.88
CA ARG A 235 -17.61 7.06 3.59
C ARG A 235 -16.35 7.49 4.32
N VAL A 236 -16.03 6.85 5.44
CA VAL A 236 -14.79 7.16 6.14
C VAL A 236 -13.62 6.42 5.51
N ALA A 237 -13.83 5.17 5.09
CA ALA A 237 -12.79 4.43 4.39
C ALA A 237 -12.39 5.13 3.10
N GLY A 238 -13.38 5.62 2.35
CA GLY A 238 -13.07 6.36 1.14
C GLY A 238 -12.36 7.67 1.43
N TYR A 239 -12.83 8.40 2.44
CA TYR A 239 -12.21 9.68 2.80
C TYR A 239 -10.74 9.48 3.19
N SER A 240 -10.47 8.49 4.05
CA SER A 240 -9.12 8.32 4.57
C SER A 240 -8.17 7.78 3.52
N ARG A 241 -8.64 6.84 2.68
CA ARG A 241 -7.81 6.35 1.60
C ARG A 241 -7.54 7.43 0.57
N ALA A 242 -8.55 8.26 0.27
CA ALA A 242 -8.34 9.39 -0.63
C ALA A 242 -7.32 10.35 -0.06
N ALA A 243 -7.40 10.63 1.25
CA ALA A 243 -6.43 11.52 1.87
C ALA A 243 -5.03 10.92 1.85
N VAL A 244 -4.90 9.62 2.09
CA VAL A 244 -3.59 8.96 2.07
C VAL A 244 -2.98 9.05 0.68
N LEU A 245 -3.78 8.75 -0.35
CA LEU A 245 -3.23 8.79 -1.71
C LEU A 245 -2.96 10.22 -2.16
N LEU A 246 -3.77 11.19 -1.72
CA LEU A 246 -3.46 12.58 -1.99
C LEU A 246 -2.15 12.99 -1.31
N GLY A 247 -1.91 12.50 -0.10
CA GLY A 247 -0.65 12.77 0.56
C GLY A 247 0.53 12.18 -0.17
N VAL A 248 0.37 10.94 -0.66
CA VAL A 248 1.45 10.31 -1.43
C VAL A 248 1.72 11.08 -2.70
N PHE A 249 0.66 11.50 -3.41
CA PHE A 249 0.83 12.28 -4.62
C PHE A 249 1.51 13.62 -4.32
N THR A 250 1.12 14.27 -3.23
CA THR A 250 1.73 15.55 -2.87
C THR A 250 3.20 15.37 -2.51
N SER A 251 3.54 14.29 -1.81
CA SER A 251 4.94 14.04 -1.48
C SER A 251 5.75 13.81 -2.74
N SER A 252 5.25 13.00 -3.67
CA SER A 252 5.97 12.73 -4.90
C SER A 252 6.15 14.01 -5.71
N VAL A 253 5.09 14.80 -5.84
CA VAL A 253 5.17 16.05 -6.59
C VAL A 253 6.11 17.02 -5.91
N LEU A 254 6.07 17.11 -4.59
CA LEU A 254 6.96 18.01 -3.87
C LEU A 254 8.41 17.64 -4.11
N GLY A 255 8.74 16.35 -3.99
CA GLY A 255 10.11 15.93 -4.21
C GLY A 255 10.58 16.19 -5.63
N GLN A 256 9.76 15.82 -6.62
CA GLN A 256 10.17 15.97 -8.01
C GLN A 256 10.25 17.44 -8.40
N LEU A 257 9.36 18.28 -7.87
CA LEU A 257 9.43 19.70 -8.13
C LEU A 257 10.66 20.32 -7.48
N LEU A 258 11.02 19.86 -6.29
CA LEU A 258 12.17 20.44 -5.60
C LEU A 258 13.47 20.06 -6.28
N VAL A 259 13.61 18.82 -6.75
CA VAL A 259 14.88 18.41 -7.34
C VAL A 259 14.96 18.78 -8.81
N THR A 260 13.90 18.52 -9.58
CA THR A 260 13.96 18.75 -11.02
C THR A 260 13.85 20.23 -11.37
N VAL A 261 13.10 20.99 -10.58
CA VAL A 261 12.91 22.42 -10.85
C VAL A 261 13.75 23.24 -9.90
N GLY A 262 13.49 23.12 -8.61
CA GLY A 262 14.24 23.88 -7.63
C GLY A 262 15.69 23.46 -7.46
N ARG A 263 16.03 22.25 -7.88
CA ARG A 263 17.39 21.69 -7.82
C ARG A 263 18.11 22.09 -6.54
N VAL A 264 17.45 21.85 -5.41
CA VAL A 264 17.98 22.31 -4.14
C VAL A 264 19.10 21.41 -3.65
N SER A 265 18.79 20.15 -3.34
CA SER A 265 19.75 19.16 -2.87
C SER A 265 18.99 17.88 -2.57
N PHE A 266 19.74 16.82 -2.28
CA PHE A 266 19.18 15.62 -1.68
C PHE A 266 19.25 15.65 -0.15
N SER A 267 19.89 16.67 0.42
CA SER A 267 19.92 16.88 1.86
C SER A 267 18.88 17.90 2.31
N THR A 268 18.78 19.03 1.63
CA THR A 268 17.74 20.01 1.95
C THR A 268 16.36 19.41 1.76
N LEU A 269 16.18 18.60 0.72
CA LEU A 269 14.94 17.86 0.56
C LEU A 269 14.70 16.93 1.74
N ASN A 270 15.77 16.30 2.24
CA ASN A 270 15.63 15.46 3.42
C ASN A 270 15.33 16.27 4.67
N TYR A 271 15.85 17.50 4.77
CA TYR A 271 15.48 18.37 5.88
C TYR A 271 14.00 18.74 5.83
N ILE A 272 13.49 19.04 4.64
CA ILE A 272 12.06 19.31 4.50
C ILE A 272 11.25 18.09 4.89
N SER A 273 11.70 16.90 4.47
CA SER A 273 11.03 15.67 4.85
C SER A 273 11.03 15.49 6.36
N LEU A 274 12.15 15.81 7.02
CA LEU A 274 12.22 15.70 8.47
C LEU A 274 11.27 16.68 9.15
N ALA A 275 11.19 17.91 8.64
CA ALA A 275 10.27 18.87 9.22
C ALA A 275 8.83 18.40 9.10
N PHE A 276 8.45 17.90 7.92
CA PHE A 276 7.09 17.43 7.74
C PHE A 276 6.80 16.19 8.57
N LEU A 277 7.79 15.32 8.77
CA LEU A 277 7.58 14.14 9.59
C LEU A 277 7.45 14.51 11.07
N THR A 278 8.20 15.51 11.53
CA THR A 278 8.04 15.98 12.91
C THR A 278 6.68 16.61 13.12
N PHE A 279 6.20 17.39 12.13
CA PHE A 279 4.86 17.92 12.23
C PHE A 279 3.80 16.81 12.20
N SER A 280 4.05 15.75 11.43
CA SER A 280 3.14 14.61 11.43
C SER A 280 3.11 13.93 12.79
N VAL A 281 4.26 13.83 13.46
CA VAL A 281 4.29 13.28 14.81
C VAL A 281 3.48 14.15 15.75
N VAL A 282 3.67 15.46 15.67
CA VAL A 282 2.93 16.39 16.53
C VAL A 282 1.43 16.21 16.33
N LEU A 283 1.00 16.08 15.06
CA LEU A 283 -0.41 15.83 14.80
C LEU A 283 -0.86 14.50 15.38
N ALA A 284 -0.03 13.45 15.22
CA ALA A 284 -0.41 12.12 15.67
C ALA A 284 -0.55 12.05 17.19
N LEU A 285 0.18 12.89 17.92
CA LEU A 285 0.06 12.88 19.37
C LEU A 285 -1.33 13.32 19.85
N PHE A 286 -2.08 14.05 19.02
CA PHE A 286 -3.36 14.60 19.40
C PHE A 286 -4.55 13.81 18.86
N LEU A 287 -4.32 12.64 18.28
CA LEU A 287 -5.40 11.78 17.86
C LEU A 287 -5.99 11.05 19.06
N LYS A 288 -7.31 10.94 19.10
CA LYS A 288 -7.96 10.36 20.27
C LYS A 288 -7.85 8.84 20.24
N ARG A 289 -7.65 8.26 21.41
CA ARG A 289 -7.44 6.83 21.53
C ARG A 289 -8.78 6.13 21.76
N PRO A 290 -9.16 5.18 20.91
CA PRO A 290 -10.43 4.46 21.13
C PRO A 290 -10.40 3.70 22.44
N LYS A 291 -11.58 3.54 23.03
CA LYS A 291 -11.70 2.79 24.29
C LYS A 291 -12.09 1.35 24.02
N SER A 333 -5.40 -16.10 27.83
CA SER A 333 -4.79 -16.45 26.54
C SER A 333 -5.36 -15.60 25.42
N VAL A 334 -4.81 -14.40 25.25
CA VAL A 334 -5.29 -13.50 24.20
C VAL A 334 -4.98 -14.07 22.82
N LEU A 335 -3.88 -14.81 22.69
CA LEU A 335 -3.57 -15.46 21.43
C LEU A 335 -4.65 -16.46 21.04
N ALA A 336 -5.12 -17.25 22.01
CA ALA A 336 -6.23 -18.15 21.75
C ALA A 336 -7.50 -17.38 21.41
N ARG A 337 -7.71 -16.23 22.04
CA ARG A 337 -8.87 -15.41 21.70
C ARG A 337 -8.82 -14.96 20.24
N MET A 338 -7.67 -14.48 19.80
CA MET A 338 -7.52 -14.05 18.41
C MET A 338 -7.67 -15.22 17.45
N LEU A 339 -7.10 -16.38 17.78
CA LEU A 339 -7.23 -17.55 16.91
C LEU A 339 -8.68 -18.00 16.79
N ARG A 340 -9.40 -18.04 17.91
CA ARG A 340 -10.81 -18.40 17.88
C ARG A 340 -11.62 -17.38 17.10
N GLU A 341 -11.33 -16.09 17.28
CA GLU A 341 -12.03 -15.06 16.53
C GLU A 341 -11.82 -15.20 15.04
N LEU A 342 -10.58 -15.44 14.61
CA LEU A 342 -10.32 -15.64 13.18
C LEU A 342 -10.99 -16.89 12.66
N GLY A 343 -10.97 -17.99 13.43
CA GLY A 343 -11.64 -19.19 13.01
C GLY A 343 -13.14 -19.05 12.88
N ASP A 344 -13.76 -18.25 13.75
CA ASP A 344 -15.19 -17.99 13.64
C ASP A 344 -15.52 -17.02 12.52
N SER A 345 -14.67 -16.02 12.29
CA SER A 345 -14.96 -14.99 11.30
C SER A 345 -14.60 -15.41 9.88
N LEU A 346 -13.75 -16.43 9.71
CA LEU A 346 -13.44 -16.89 8.36
C LEU A 346 -14.68 -17.49 7.68
N ARG A 347 -15.61 -18.04 8.46
CA ARG A 347 -16.79 -18.66 7.88
C ARG A 347 -17.76 -17.64 7.27
N ARG A 348 -17.63 -16.37 7.64
CA ARG A 348 -18.51 -15.35 7.08
C ARG A 348 -18.22 -15.15 5.60
N PRO A 349 -19.24 -14.89 4.79
CA PRO A 349 -19.04 -14.80 3.34
C PRO A 349 -18.42 -13.49 2.89
N GLN A 350 -18.77 -12.38 3.54
CA GLN A 350 -18.24 -11.08 3.16
C GLN A 350 -16.81 -10.86 3.62
N LEU A 351 -16.44 -11.42 4.77
CA LEU A 351 -15.05 -11.35 5.20
C LEU A 351 -14.17 -12.24 4.35
N ARG A 352 -14.63 -13.47 4.06
CA ARG A 352 -13.81 -14.42 3.32
C ARG A 352 -13.55 -13.95 1.89
N LEU A 353 -14.56 -13.38 1.23
CA LEU A 353 -14.38 -12.94 -0.15
C LEU A 353 -13.36 -11.82 -0.24
N TRP A 354 -13.52 -10.79 0.58
CA TRP A 354 -12.60 -9.66 0.53
C TRP A 354 -11.27 -9.96 1.21
N SER A 355 -11.20 -10.98 2.06
CA SER A 355 -9.90 -11.44 2.54
C SER A 355 -9.13 -12.17 1.45
N LEU A 356 -9.82 -13.06 0.73
CA LEU A 356 -9.18 -13.74 -0.39
C LEU A 356 -8.93 -12.81 -1.56
N TRP A 357 -9.65 -11.69 -1.64
CA TRP A 357 -9.34 -10.69 -2.64
C TRP A 357 -8.07 -9.92 -2.27
N TRP A 358 -7.92 -9.58 -0.99
CA TRP A 358 -6.76 -8.80 -0.56
C TRP A 358 -5.48 -9.61 -0.70
N VAL A 359 -5.47 -10.84 -0.22
CA VAL A 359 -4.26 -11.63 -0.20
C VAL A 359 -3.79 -12.05 -1.58
N PHE A 360 -4.61 -11.86 -2.62
CA PHE A 360 -4.25 -12.27 -3.97
C PHE A 360 -4.19 -11.10 -4.93
N ASN A 361 -5.24 -10.29 -5.02
CA ASN A 361 -5.22 -9.18 -5.97
C ASN A 361 -4.17 -8.13 -5.58
N SER A 362 -4.04 -7.84 -4.29
CA SER A 362 -3.02 -6.90 -3.86
C SER A 362 -1.62 -7.45 -4.13
N ALA A 363 -1.43 -8.76 -3.91
CA ALA A 363 -0.15 -9.38 -4.24
C ALA A 363 0.14 -9.27 -5.74
N GLY A 364 -0.89 -9.44 -6.57
CA GLY A 364 -0.71 -9.19 -7.99
C GLY A 364 -0.45 -7.73 -8.29
N TYR A 365 -1.08 -6.83 -7.54
CA TYR A 365 -0.86 -5.40 -7.74
C TYR A 365 0.57 -5.01 -7.37
N TYR A 366 1.09 -5.57 -6.28
CA TYR A 366 2.48 -5.31 -5.93
C TYR A 366 3.43 -5.84 -6.99
N LEU A 367 3.14 -7.00 -7.55
CA LEU A 367 4.00 -7.58 -8.58
C LEU A 367 4.03 -6.71 -9.83
N VAL A 368 2.87 -6.21 -10.26
CA VAL A 368 2.84 -5.37 -11.46
C VAL A 368 3.54 -4.05 -11.19
N VAL A 369 3.28 -3.42 -10.04
CA VAL A 369 3.88 -2.13 -9.74
C VAL A 369 5.40 -2.26 -9.67
N TYR A 370 5.89 -3.31 -9.00
CA TYR A 370 7.33 -3.51 -8.90
C TYR A 370 7.95 -3.76 -10.26
N TYR A 371 7.31 -4.57 -11.11
CA TYR A 371 7.86 -4.88 -12.42
C TYR A 371 7.64 -3.78 -13.44
N VAL A 372 6.74 -2.82 -13.19
CA VAL A 372 6.62 -1.68 -14.09
C VAL A 372 7.87 -0.82 -14.00
N HIS A 373 8.34 -0.55 -12.78
CA HIS A 373 9.55 0.25 -12.61
C HIS A 373 10.78 -0.49 -13.13
N ILE A 374 10.80 -1.82 -13.04
CA ILE A 374 11.88 -2.59 -13.65
C ILE A 374 11.85 -2.42 -15.17
N LEU A 375 10.67 -2.49 -15.76
CA LEU A 375 10.54 -2.26 -17.20
C LEU A 375 10.88 -0.82 -17.55
N TRP A 376 10.42 0.14 -16.74
CA TRP A 376 10.71 1.54 -17.01
C TRP A 376 12.20 1.83 -16.92
N ASN A 377 12.87 1.29 -15.91
CA ASN A 377 14.29 1.53 -15.72
C ASN A 377 15.14 0.63 -16.61
N ARG A 387 13.89 9.66 -15.63
CA ARG A 387 12.93 10.03 -16.65
C ARG A 387 11.75 10.79 -16.06
N VAL A 388 11.43 11.93 -16.67
CA VAL A 388 10.30 12.73 -16.18
C VAL A 388 8.98 12.01 -16.42
N TYR A 389 8.87 11.26 -17.52
CA TYR A 389 7.63 10.58 -17.85
C TYR A 389 7.40 9.32 -17.02
N ASN A 390 8.23 9.07 -16.01
CA ASN A 390 7.98 7.98 -15.07
C ASN A 390 7.39 8.50 -13.77
N TRP A 391 8.01 9.52 -13.17
CA TRP A 391 7.44 10.13 -11.98
C TRP A 391 6.11 10.81 -12.29
N ALA A 392 5.99 11.39 -13.49
CA ALA A 392 4.71 11.97 -13.89
C ALA A 392 3.63 10.91 -13.99
N ALA A 393 3.95 9.76 -14.56
CA ALA A 393 2.99 8.66 -14.62
C ALA A 393 2.63 8.17 -13.23
N ASP A 394 3.61 8.10 -12.33
CA ASP A 394 3.32 7.68 -10.96
C ASP A 394 2.42 8.67 -10.24
N ALA A 395 2.66 9.97 -10.43
CA ALA A 395 1.82 10.99 -9.81
C ALA A 395 0.41 10.95 -10.37
N ALA A 396 0.27 10.76 -11.69
CA ALA A 396 -1.05 10.64 -12.27
C ALA A 396 -1.78 9.42 -11.75
N SER A 397 -1.07 8.30 -11.60
CA SER A 397 -1.68 7.10 -11.04
C SER A 397 -2.12 7.32 -9.60
N THR A 398 -1.29 8.01 -8.81
CA THR A 398 -1.66 8.28 -7.41
C THR A 398 -2.87 9.21 -7.32
N LEU A 399 -2.93 10.23 -8.18
CA LEU A 399 -4.09 11.12 -8.17
C LEU A 399 -5.35 10.38 -8.59
N LEU A 400 -5.26 9.52 -9.61
CA LEU A 400 -6.40 8.72 -10.00
C LEU A 400 -6.82 7.76 -8.89
N GLY A 401 -5.84 7.21 -8.17
CA GLY A 401 -6.16 6.36 -7.04
C GLY A 401 -6.89 7.11 -5.95
N ALA A 402 -6.45 8.34 -5.66
CA ALA A 402 -7.14 9.15 -4.66
C ALA A 402 -8.58 9.45 -5.09
N ILE A 403 -8.75 9.83 -6.36
CA ILE A 403 -10.10 10.14 -6.85
C ILE A 403 -10.99 8.91 -6.80
N THR A 404 -10.45 7.75 -7.18
CA THR A 404 -11.25 6.53 -7.17
C THR A 404 -11.56 6.06 -5.76
N SER A 405 -10.64 6.26 -4.81
CA SER A 405 -10.96 5.96 -3.41
C SER A 405 -12.06 6.87 -2.90
N PHE A 406 -12.01 8.15 -3.26
CA PHE A 406 -13.10 9.06 -2.92
C PHE A 406 -14.43 8.57 -3.49
N ALA A 407 -14.41 8.17 -4.76
CA ALA A 407 -15.64 7.68 -5.40
C ALA A 407 -16.15 6.42 -4.72
N ALA A 408 -15.25 5.51 -4.35
CA ALA A 408 -15.66 4.30 -3.65
C ALA A 408 -16.28 4.64 -2.30
N GLY A 409 -15.71 5.62 -1.60
CA GLY A 409 -16.33 6.09 -0.38
C GLY A 409 -17.65 6.79 -0.61
N PHE A 410 -17.92 7.18 -1.85
CA PHE A 410 -19.18 7.92 -2.16
C PHE A 410 -20.19 7.00 -2.87
N VAL A 411 -19.73 5.89 -3.46
CA VAL A 411 -20.66 5.04 -4.21
C VAL A 411 -21.61 4.35 -3.25
N LYS A 412 -22.83 4.10 -3.72
CA LYS A 412 -23.90 3.52 -2.90
C LYS A 412 -24.63 2.48 -3.74
N ILE A 413 -24.20 1.23 -3.62
CA ILE A 413 -24.82 0.10 -4.30
C ILE A 413 -25.17 -0.96 -3.27
N ARG A 414 -26.02 -1.90 -3.66
CA ARG A 414 -26.36 -3.01 -2.80
C ARG A 414 -25.22 -4.02 -2.81
N TRP A 415 -24.58 -4.22 -1.68
CA TRP A 415 -23.51 -5.21 -1.60
C TRP A 415 -24.04 -6.55 -1.13
N ALA A 416 -23.16 -7.55 -1.15
CA ALA A 416 -23.44 -8.97 -0.93
C ALA A 416 -24.29 -9.56 -2.03
N ARG A 417 -24.81 -8.75 -2.95
CA ARG A 417 -25.44 -9.23 -4.17
C ARG A 417 -24.67 -8.75 -5.39
N TRP A 418 -24.38 -7.45 -5.50
CA TRP A 418 -23.56 -6.89 -6.56
C TRP A 418 -22.12 -6.67 -6.09
N SER A 419 -21.51 -7.67 -5.46
CA SER A 419 -20.18 -7.52 -4.90
C SER A 419 -19.14 -8.37 -5.63
N LYS A 420 -19.37 -9.68 -5.75
CA LYS A 420 -18.44 -10.52 -6.49
C LYS A 420 -18.39 -10.12 -7.96
N LEU A 421 -19.52 -9.66 -8.52
CA LEU A 421 -19.53 -9.17 -9.88
C LEU A 421 -18.63 -7.95 -10.03
N LEU A 422 -18.68 -7.04 -9.06
CA LEU A 422 -17.81 -5.86 -9.10
C LEU A 422 -16.34 -6.25 -9.04
N ILE A 423 -16.01 -7.18 -8.14
CA ILE A 423 -14.63 -7.65 -8.01
C ILE A 423 -14.16 -8.26 -9.33
N ALA A 424 -14.99 -9.13 -9.90
CA ALA A 424 -14.61 -9.79 -11.16
C ALA A 424 -14.45 -8.78 -12.28
N GLY A 425 -15.34 -7.80 -12.36
CA GLY A 425 -15.23 -6.81 -13.41
C GLY A 425 -13.98 -5.96 -13.30
N VAL A 426 -13.68 -5.49 -12.09
CA VAL A 426 -12.49 -4.67 -11.91
C VAL A 426 -11.22 -5.49 -12.12
N THR A 427 -11.23 -6.76 -11.69
CA THR A 427 -10.07 -7.61 -11.92
C THR A 427 -9.87 -7.89 -13.41
N ALA A 428 -10.97 -8.08 -14.15
CA ALA A 428 -10.84 -8.27 -15.60
C ALA A 428 -10.31 -7.01 -16.27
N THR A 429 -10.76 -5.83 -15.82
CA THR A 429 -10.21 -4.59 -16.36
C THR A 429 -8.72 -4.47 -16.06
N GLN A 430 -8.32 -4.86 -14.85
CA GLN A 430 -6.90 -4.84 -14.50
C GLN A 430 -6.11 -5.82 -15.37
N ALA A 431 -6.67 -6.99 -15.64
CA ALA A 431 -6.00 -7.96 -16.50
C ALA A 431 -5.85 -7.41 -17.91
N GLY A 432 -6.88 -6.76 -18.42
CA GLY A 432 -6.78 -6.14 -19.73
C GLY A 432 -5.73 -5.05 -19.79
N LEU A 433 -5.66 -4.22 -18.74
CA LEU A 433 -4.66 -3.16 -18.70
C LEU A 433 -3.25 -3.75 -18.59
N VAL A 434 -3.09 -4.84 -17.85
CA VAL A 434 -1.79 -5.49 -17.75
C VAL A 434 -1.39 -6.09 -19.10
N PHE A 435 -2.34 -6.70 -19.81
CA PHE A 435 -2.07 -7.20 -21.15
C PHE A 435 -1.65 -6.06 -22.07
N LEU A 436 -2.33 -4.92 -21.99
CA LEU A 436 -1.96 -3.77 -22.81
C LEU A 436 -0.56 -3.29 -22.46
N LEU A 437 -0.22 -3.27 -21.17
CA LEU A 437 1.12 -2.86 -20.75
C LEU A 437 2.18 -3.80 -21.28
N ALA A 438 1.91 -5.10 -21.26
CA ALA A 438 2.89 -6.09 -21.69
C ALA A 438 3.06 -6.08 -23.22
N HIS A 439 1.96 -5.97 -23.96
CA HIS A 439 1.96 -6.13 -25.41
C HIS A 439 1.98 -4.79 -26.13
N THR A 440 2.70 -3.80 -25.60
CA THR A 440 2.83 -2.50 -26.24
C THR A 440 4.28 -2.05 -26.12
N ARG A 441 5.00 -2.04 -27.25
CA ARG A 441 6.42 -1.63 -27.24
C ARG A 441 6.71 -0.70 -28.42
N HIS A 442 5.68 -0.26 -29.14
CA HIS A 442 5.90 0.65 -30.26
C HIS A 442 6.46 1.97 -29.76
N PRO A 443 7.41 2.58 -30.47
CA PRO A 443 7.99 3.84 -30.00
C PRO A 443 6.98 4.96 -29.79
N SER A 444 5.99 5.07 -30.68
CA SER A 444 4.94 6.08 -30.52
C SER A 444 3.73 5.50 -29.78
N SER A 445 3.99 4.87 -28.64
CA SER A 445 2.92 4.30 -27.84
C SER A 445 3.17 4.41 -26.34
N ILE A 446 4.22 5.11 -25.91
CA ILE A 446 4.57 5.11 -24.49
C ILE A 446 3.50 5.82 -23.67
N TRP A 447 2.86 6.86 -24.21
CA TRP A 447 1.79 7.51 -23.47
C TRP A 447 0.62 6.55 -23.24
N LEU A 448 0.38 5.64 -24.18
CA LEU A 448 -0.62 4.61 -23.95
C LEU A 448 -0.22 3.68 -22.81
N CYS A 449 1.07 3.35 -22.71
CA CYS A 449 1.54 2.54 -21.60
C CYS A 449 1.33 3.25 -20.26
N TYR A 450 1.65 4.55 -20.21
CA TYR A 450 1.43 5.31 -19.00
C TYR A 450 -0.05 5.39 -18.65
N ALA A 451 -0.90 5.58 -19.65
CA ALA A 451 -2.34 5.61 -19.41
C ALA A 451 -2.83 4.28 -18.86
N ALA A 452 -2.33 3.17 -19.43
CA ALA A 452 -2.68 1.86 -18.89
C ALA A 452 -2.24 1.70 -17.46
N PHE A 453 -1.03 2.20 -17.12
CA PHE A 453 -0.58 2.09 -15.74
C PHE A 453 -1.45 2.89 -14.79
N VAL A 454 -1.80 4.13 -15.16
CA VAL A 454 -2.63 4.93 -14.26
C VAL A 454 -4.02 4.32 -14.12
N LEU A 455 -4.56 3.75 -15.20
CA LEU A 455 -5.87 3.13 -15.11
C LEU A 455 -5.82 1.87 -14.24
N PHE A 456 -4.73 1.10 -14.32
CA PHE A 456 -4.57 -0.05 -13.45
C PHE A 456 -4.47 0.37 -11.99
N ARG A 457 -3.71 1.42 -11.71
CA ARG A 457 -3.58 1.91 -10.34
C ARG A 457 -4.93 2.39 -9.81
N GLY A 458 -5.68 3.13 -10.63
CA GLY A 458 -7.00 3.57 -10.22
C GLY A 458 -7.94 2.41 -9.97
N SER A 459 -7.89 1.38 -10.83
CA SER A 459 -8.73 0.21 -10.65
C SER A 459 -8.42 -0.50 -9.34
N TYR A 460 -7.13 -0.63 -9.01
CA TYR A 460 -6.79 -1.28 -7.74
C TYR A 460 -7.20 -0.42 -6.55
N GLN A 461 -6.93 0.88 -6.60
CA GLN A 461 -7.21 1.74 -5.45
C GLN A 461 -8.69 2.06 -5.30
N PHE A 462 -9.52 1.74 -6.30
CA PHE A 462 -10.96 1.91 -6.11
C PHE A 462 -11.52 0.86 -5.16
N LEU A 463 -10.95 -0.34 -5.13
CA LEU A 463 -11.49 -1.41 -4.31
C LEU A 463 -10.94 -1.41 -2.89
N VAL A 464 -9.79 -0.78 -2.64
CA VAL A 464 -9.18 -0.85 -1.31
C VAL A 464 -10.09 -0.23 -0.24
N PRO A 465 -10.65 0.96 -0.42
CA PRO A 465 -11.64 1.44 0.56
C PRO A 465 -12.83 0.53 0.71
N ILE A 466 -13.34 -0.05 -0.38
CA ILE A 466 -14.47 -0.96 -0.30
C ILE A 466 -14.08 -2.25 0.40
N ALA A 467 -12.88 -2.77 0.10
CA ALA A 467 -12.43 -3.98 0.78
C ALA A 467 -12.27 -3.75 2.28
N THR A 468 -11.69 -2.61 2.67
CA THR A 468 -11.53 -2.32 4.09
C THR A 468 -12.88 -2.14 4.77
N PHE A 469 -13.81 -1.43 4.11
CA PHE A 469 -15.13 -1.23 4.68
C PHE A 469 -15.88 -2.55 4.85
N GLN A 470 -15.75 -3.45 3.89
CA GLN A 470 -16.46 -4.74 4.00
C GLN A 470 -15.81 -5.68 5.00
N ILE A 471 -14.49 -5.65 5.13
CA ILE A 471 -13.84 -6.46 6.15
C ILE A 471 -14.17 -5.93 7.53
N ALA A 472 -14.22 -4.61 7.68
CA ALA A 472 -14.54 -4.02 8.98
C ALA A 472 -16.01 -4.20 9.33
N SER A 473 -16.90 -3.95 8.38
CA SER A 473 -18.34 -4.06 8.66
C SER A 473 -18.74 -5.48 9.00
N SER A 474 -18.19 -6.46 8.28
CA SER A 474 -18.59 -7.84 8.50
C SER A 474 -18.00 -8.44 9.78
N LEU A 475 -17.05 -7.76 10.41
CA LEU A 475 -16.44 -8.29 11.62
C LEU A 475 -17.36 -8.10 12.81
N SER A 476 -17.27 -9.02 13.76
CA SER A 476 -18.08 -8.98 14.98
C SER A 476 -17.22 -8.74 16.21
N LYS A 477 -16.01 -8.23 16.01
CA LYS A 477 -15.08 -7.97 17.09
C LYS A 477 -14.22 -6.76 16.73
N GLU A 478 -13.67 -6.12 17.75
CA GLU A 478 -12.92 -4.88 17.56
C GLU A 478 -11.44 -5.14 17.32
N LEU A 479 -11.11 -5.94 16.31
CA LEU A 479 -9.71 -6.24 16.01
C LEU A 479 -9.47 -6.24 14.51
N CYS A 480 -10.17 -5.37 13.79
CA CYS A 480 -9.98 -5.25 12.34
C CYS A 480 -8.53 -5.10 11.96
N ALA A 481 -7.70 -4.61 12.88
CA ALA A 481 -6.27 -4.51 12.64
C ALA A 481 -5.64 -5.88 12.41
N LEU A 482 -6.06 -6.88 13.18
CA LEU A 482 -5.52 -8.23 12.99
C LEU A 482 -5.86 -8.77 11.60
N VAL A 483 -7.10 -8.58 11.15
CA VAL A 483 -7.50 -9.09 9.84
C VAL A 483 -6.76 -8.34 8.73
N PHE A 484 -6.67 -7.01 8.85
CA PHE A 484 -5.93 -6.24 7.86
C PHE A 484 -4.47 -6.68 7.80
N GLY A 485 -3.86 -6.91 8.97
CA GLY A 485 -2.47 -7.32 9.00
C GLY A 485 -2.25 -8.70 8.45
N VAL A 486 -3.14 -9.65 8.76
CA VAL A 486 -2.97 -10.99 8.23
C VAL A 486 -3.17 -10.98 6.71
N ASN A 487 -4.09 -10.16 6.21
CA ASN A 487 -4.25 -10.04 4.77
C ASN A 487 -3.02 -9.43 4.11
N THR A 488 -2.45 -8.39 4.71
CA THR A 488 -1.24 -7.78 4.15
C THR A 488 -0.06 -8.74 4.21
N PHE A 489 0.08 -9.46 5.32
CA PHE A 489 1.14 -10.45 5.46
C PHE A 489 1.00 -11.55 4.42
N PHE A 490 -0.22 -12.03 4.21
CA PHE A 490 -0.44 -13.07 3.20
C PHE A 490 -0.21 -12.53 1.80
N ALA A 491 -0.55 -11.27 1.54
CA ALA A 491 -0.29 -10.68 0.23
C ALA A 491 1.21 -10.60 -0.04
N THR A 492 1.97 -10.15 0.95
CA THR A 492 3.42 -10.08 0.79
C THR A 492 4.02 -11.48 0.64
N ILE A 493 3.49 -12.45 1.39
CA ILE A 493 3.98 -13.82 1.29
C ILE A 493 3.69 -14.39 -0.10
N VAL A 494 2.50 -14.11 -0.64
CA VAL A 494 2.16 -14.59 -1.98
C VAL A 494 3.07 -13.94 -3.02
N LYS A 495 3.33 -12.64 -2.87
CA LYS A 495 4.23 -11.97 -3.81
C LYS A 495 5.62 -12.58 -3.76
N THR A 496 6.14 -12.83 -2.54
CA THR A 496 7.46 -13.42 -2.40
C THR A 496 7.50 -14.84 -2.97
N ILE A 497 6.43 -15.62 -2.75
CA ILE A 497 6.37 -16.98 -3.26
C ILE A 497 6.36 -16.98 -4.79
N ILE A 498 5.57 -16.08 -5.38
CA ILE A 498 5.50 -16.03 -6.84
C ILE A 498 6.84 -15.57 -7.41
N THR A 499 7.49 -14.59 -6.77
CA THR A 499 8.79 -14.12 -7.24
C THR A 499 9.83 -15.22 -7.16
N PHE A 500 9.82 -15.97 -6.06
CA PHE A 500 10.82 -17.07 -5.87
C PHE A 500 10.54 -18.20 -6.86
N ILE A 501 9.27 -18.51 -7.11
CA ILE A 501 8.91 -19.62 -7.98
C ILE A 501 9.23 -19.28 -9.43
N VAL A 502 8.90 -18.06 -9.87
CA VAL A 502 8.99 -17.71 -11.27
C VAL A 502 10.25 -16.88 -11.54
N SER A 503 10.40 -15.76 -10.84
CA SER A 503 11.44 -14.80 -11.20
C SER A 503 12.85 -15.27 -10.83
N ASP A 504 12.98 -16.30 -10.00
CA ASP A 504 14.30 -16.73 -9.57
C ASP A 504 15.07 -17.35 -10.73
N VAL A 505 16.39 -17.17 -10.71
CA VAL A 505 17.25 -17.76 -11.72
C VAL A 505 17.19 -19.29 -11.66
N ARG A 506 17.23 -19.85 -10.45
CA ARG A 506 17.07 -21.29 -10.30
C ARG A 506 15.67 -21.74 -10.71
N GLY A 507 14.69 -20.84 -10.64
CA GLY A 507 13.34 -21.11 -11.07
C GLY A 507 13.16 -20.84 -12.55
N LEU A 508 11.90 -20.64 -12.93
CA LEU A 508 11.54 -20.39 -14.33
C LEU A 508 11.83 -18.94 -14.69
N GLY A 509 13.12 -18.60 -14.66
CA GLY A 509 13.56 -17.25 -14.94
C GLY A 509 13.20 -16.78 -16.34
N LEU A 510 12.50 -15.64 -16.41
CA LEU A 510 12.01 -15.10 -17.67
C LEU A 510 12.20 -13.60 -17.70
N PRO A 511 12.30 -13.00 -18.90
CA PRO A 511 12.43 -11.54 -18.99
C PRO A 511 11.17 -10.80 -18.53
N VAL A 512 11.26 -9.47 -18.44
CA VAL A 512 10.18 -8.67 -17.87
C VAL A 512 8.90 -8.81 -18.71
N ARG A 513 9.05 -8.89 -20.04
CA ARG A 513 7.86 -9.05 -20.88
C ARG A 513 7.15 -10.36 -20.60
N LYS A 514 7.90 -11.46 -20.45
CA LYS A 514 7.29 -12.72 -20.07
C LYS A 514 6.74 -12.65 -18.65
N GLN A 515 7.42 -11.92 -17.76
CA GLN A 515 6.89 -11.74 -16.41
C GLN A 515 5.50 -11.12 -16.46
N PHE A 516 5.33 -10.08 -17.27
CA PHE A 516 4.02 -9.47 -17.45
C PHE A 516 3.04 -10.37 -18.19
N GLN A 517 3.52 -11.27 -19.04
CA GLN A 517 2.63 -12.24 -19.67
C GLN A 517 2.02 -13.19 -18.64
N LEU A 518 2.86 -13.79 -17.80
CA LEU A 518 2.31 -14.64 -16.73
C LEU A 518 1.54 -13.84 -15.69
N TYR A 519 1.89 -12.57 -15.45
CA TYR A 519 1.07 -11.79 -14.53
C TYR A 519 -0.24 -11.37 -15.18
N SER A 520 -0.24 -11.13 -16.50
CA SER A 520 -1.50 -10.90 -17.19
C SER A 520 -2.41 -12.12 -17.10
N VAL A 521 -1.85 -13.32 -17.31
CA VAL A 521 -2.69 -14.51 -17.21
C VAL A 521 -3.07 -14.78 -15.75
N TYR A 522 -2.25 -14.35 -14.79
CA TYR A 522 -2.62 -14.47 -13.39
C TYR A 522 -3.84 -13.61 -13.06
N PHE A 523 -3.82 -12.36 -13.49
CA PHE A 523 -4.99 -11.52 -13.32
C PHE A 523 -6.18 -12.06 -14.09
N LEU A 524 -5.94 -12.65 -15.27
CA LEU A 524 -7.02 -13.23 -16.05
C LEU A 524 -7.68 -14.39 -15.30
N ILE A 525 -6.88 -15.29 -14.73
CA ILE A 525 -7.46 -16.43 -14.02
C ILE A 525 -8.11 -15.98 -12.72
N LEU A 526 -7.58 -14.94 -12.07
CA LEU A 526 -8.26 -14.40 -10.89
C LEU A 526 -9.63 -13.85 -11.25
N SER A 527 -9.70 -13.07 -12.34
CA SER A 527 -10.99 -12.54 -12.79
C SER A 527 -11.93 -13.67 -13.20
N ILE A 528 -11.40 -14.70 -13.87
CA ILE A 528 -12.23 -15.83 -14.28
C ILE A 528 -12.77 -16.57 -13.06
N ILE A 529 -11.93 -16.76 -12.04
CA ILE A 529 -12.39 -17.45 -10.83
C ILE A 529 -13.45 -16.63 -10.13
N TYR A 530 -13.27 -15.31 -10.05
CA TYR A 530 -14.28 -14.48 -9.39
C TYR A 530 -15.58 -14.46 -10.18
N PHE A 531 -15.50 -14.42 -11.51
CA PHE A 531 -16.71 -14.47 -12.33
C PHE A 531 -17.40 -15.83 -12.20
N LEU A 532 -16.62 -16.91 -12.11
CA LEU A 532 -17.19 -18.23 -11.89
C LEU A 532 -17.88 -18.32 -10.53
N GLY A 533 -17.28 -17.72 -9.50
CA GLY A 533 -17.94 -17.66 -8.22
C GLY A 533 -19.24 -16.87 -8.27
N ALA A 534 -19.23 -15.75 -9.00
CA ALA A 534 -20.45 -14.96 -9.18
C ALA A 534 -21.51 -15.70 -9.99
N MET A 535 -21.10 -16.58 -10.90
CA MET A 535 -22.03 -17.39 -11.67
C MET A 535 -22.49 -18.64 -10.93
N LEU A 536 -21.78 -19.05 -9.89
CA LEU A 536 -22.16 -20.22 -9.12
C LEU A 536 -22.92 -19.90 -7.84
N ASP A 537 -22.73 -18.71 -7.25
CA ASP A 537 -23.50 -18.35 -6.08
C ASP A 537 -24.88 -17.83 -6.46
N GLY A 538 -24.95 -17.00 -7.51
CA GLY A 538 -26.23 -16.54 -8.00
C GLY A 538 -27.08 -17.63 -8.61
N LEU A 539 -26.47 -18.60 -9.28
CA LEU A 539 -27.22 -19.72 -9.83
C LEU A 539 -27.87 -20.54 -8.72
N ARG A 540 -27.29 -20.52 -7.53
CA ARG A 540 -27.92 -21.12 -6.34
C ARG A 540 -28.72 -20.07 -5.57
N HIS A 541 -29.63 -19.40 -6.27
CA HIS A 541 -30.45 -18.36 -5.65
C HIS A 541 -31.41 -18.94 -4.63
C1 GJF B . 10.15 -0.80 -6.22
C2 GJF B . 10.78 0.32 -5.79
C3 GJF B . 11.58 1.03 -6.75
C4 GJF B . 9.64 -0.53 -4.12
N1 GJF B . 11.67 0.57 -7.97
N2 GJF B . 10.28 -1.22 -7.50
C5 GJF B . 5.23 -1.17 -1.27
C6 GJF B . 6.03 -0.76 -0.09
C7 GJF B . 5.15 -2.69 0.41
C8 GJF B . 4.34 -2.11 -0.61
O1 GJF B . 6.45 -2.07 0.28
O2 GJF B . 3.34 -1.35 0.10
O3 GJF B . 4.50 -0.16 -1.92
O4 GJF B . 3.13 -1.31 -3.64
S1 GJF B . 4.24 1.07 -4.91
C9 GJF B . 5.25 -4.19 0.24
C10 GJF B . 8.42 -0.15 -0.41
C11 GJF B . 9.09 1.03 -0.49
C12 GJF B . 6.96 1.47 -0.24
C13 GJF B . 10.44 -1.32 -0.62
C14 GJF B . 10.51 1.00 -0.66
N3 GJF B . 7.08 0.16 -0.26
N4 GJF B . 8.17 2.05 -0.39
N5 GJF B . 9.11 -1.33 -0.46
N6 GJF B . 11.11 -0.19 -0.72
N7 GJF B . 11.25 2.22 -0.77
O5 GJF B . 6.06 -6.70 -1.73
O6 GJF B . 5.34 -4.42 -1.13
S2 GJF B . 7.99 -5.58 -0.07
P1 GJF B . 4.35 -0.55 -3.53
P2 GJF B . 6.61 -5.34 -1.62
C15 GJF B . 5.28 -2.80 -4.63
O7 GJF B . 5.56 -1.53 -4.04
C16 GJF B . 6.63 -3.37 -4.92
O8 GJF B . 7.31 -2.28 -5.53
C17 GJF B . 7.29 -3.56 -3.63
O9 GJF B . 7.25 -4.94 -3.18
C18 GJF B . 8.64 -3.03 -3.81
O10 GJF B . 9.67 -4.00 -3.78
C19 GJF B . 8.66 -2.49 -5.18
C20 GJF B . 11.03 -0.54 -8.34
N8 GJF B . 12.28 2.24 -6.36
N9 GJF B . 10.45 0.49 -4.47
N10 GJF B . 9.44 -1.30 -5.15
#